data_1ZFF
# 
_entry.id   1ZFF 
# 
_audit_conform.dict_name       mmcif_pdbx.dic 
_audit_conform.dict_version    5.389 
_audit_conform.dict_location   http://mmcif.pdb.org/dictionaries/ascii/mmcif_pdbx.dic 
# 
loop_
_database_2.database_id 
_database_2.database_code 
_database_2.pdbx_database_accession 
_database_2.pdbx_DOI 
PDB   1ZFF         pdb_00001zff 10.2210/pdb1zff/pdb 
NDB   BD0087       ?            ?                   
RCSB  RCSB032657   ?            ?                   
WWPDB D_1000032657 ?            ?                   
# 
loop_
_pdbx_audit_revision_history.ordinal 
_pdbx_audit_revision_history.data_content_type 
_pdbx_audit_revision_history.major_revision 
_pdbx_audit_revision_history.minor_revision 
_pdbx_audit_revision_history.revision_date 
1 'Structure model' 1 0 2005-05-10 
2 'Structure model' 1 1 2008-04-30 
3 'Structure model' 1 2 2011-07-13 
4 'Structure model' 1 3 2017-10-11 
5 'Structure model' 1 4 2019-07-24 
6 'Structure model' 1 5 2024-02-14 
7 'Structure model' 1 6 2024-04-03 
# 
_pdbx_audit_revision_details.ordinal             1 
_pdbx_audit_revision_details.revision_ordinal    1 
_pdbx_audit_revision_details.data_content_type   'Structure model' 
_pdbx_audit_revision_details.provider            repository 
_pdbx_audit_revision_details.type                'Initial release' 
_pdbx_audit_revision_details.description         ? 
_pdbx_audit_revision_details.details             ? 
# 
loop_
_pdbx_audit_revision_group.ordinal 
_pdbx_audit_revision_group.revision_ordinal 
_pdbx_audit_revision_group.data_content_type 
_pdbx_audit_revision_group.group 
1 2 'Structure model' 'Version format compliance' 
2 3 'Structure model' 'Version format compliance' 
3 4 'Structure model' 'Refinement description'    
4 5 'Structure model' 'Data collection'           
5 5 'Structure model' 'Refinement description'    
6 6 'Structure model' 'Data collection'           
7 6 'Structure model' 'Database references'       
8 7 'Structure model' 'Refinement description'    
# 
loop_
_pdbx_audit_revision_category.ordinal 
_pdbx_audit_revision_category.revision_ordinal 
_pdbx_audit_revision_category.data_content_type 
_pdbx_audit_revision_category.category 
1 4 'Structure model' software                      
2 5 'Structure model' software                      
3 6 'Structure model' chem_comp_atom                
4 6 'Structure model' chem_comp_bond                
5 6 'Structure model' database_2                    
6 7 'Structure model' pdbx_initial_refinement_model 
# 
loop_
_pdbx_audit_revision_item.ordinal 
_pdbx_audit_revision_item.revision_ordinal 
_pdbx_audit_revision_item.data_content_type 
_pdbx_audit_revision_item.item 
1 5 'Structure model' '_software.classification'            
2 5 'Structure model' '_software.contact_author'            
3 5 'Structure model' '_software.contact_author_email'      
4 5 'Structure model' '_software.location'                  
5 5 'Structure model' '_software.name'                      
6 5 'Structure model' '_software.type'                      
7 5 'Structure model' '_software.version'                   
8 6 'Structure model' '_database_2.pdbx_DOI'                
9 6 'Structure model' '_database_2.pdbx_database_accession' 
# 
_pdbx_database_status.entry_id                        1ZFF 
_pdbx_database_status.deposit_site                    RCSB 
_pdbx_database_status.process_site                    RCSB 
_pdbx_database_status.recvd_initial_deposition_date   2005-04-20 
_pdbx_database_status.status_code                     REL 
_pdbx_database_status.status_code_sf                  REL 
_pdbx_database_status.status_code_mr                  ? 
_pdbx_database_status.SG_entry                        ? 
_pdbx_database_status.pdb_format_compatible           Y 
_pdbx_database_status.status_code_cs                  ? 
_pdbx_database_status.methods_development_category    ? 
_pdbx_database_status.status_code_nmr_data            ? 
# 
loop_
_pdbx_database_related.db_name 
_pdbx_database_related.db_id 
_pdbx_database_related.details 
_pdbx_database_related.content_type 
PDB 1P4Y   . unspecified 
PDB 1P4Z   . unspecified 
PDB 1DCW   . unspecified 
PDB 1DCV   . unspecified 
NDB BD0036 . unspecified 
NDB BD0035 . unspecified 
NDB BD0033 . unspecified 
NDB BD0034 . unspecified 
NDB BD0023 . unspecified 
NDB BDJ017 . unspecified 
PDB 1ZEW   . unspecified 
PDB 1ZEX   . unspecified 
PDB 1ZEY   . unspecified 
PDB 1ZEZ   . unspecified 
PDB 1ZF0   . unspecified 
PDB 1ZF1   . unspecified 
PDB 1ZF2   . unspecified 
PDB 1ZF3   . unspecified 
PDB 1ZF4   . unspecified 
PDB 1ZF5   . unspecified 
PDB 1ZF6   . unspecified 
PDB 1ZF7   . unspecified 
PDB 1ZF8   . unspecified 
PDB 1ZF9   . unspecified 
PDB 1ZFA   . unspecified 
PDB 1ZFB   . unspecified 
PDB 1ZFC   . unspecified 
PDB 1ZFE   . unspecified 
PDB 1ZFG   . unspecified 
PDB 1ZFH   . unspecified 
PDB 1ZFM   . unspecified 
# 
loop_
_audit_author.name 
_audit_author.pdbx_ordinal 
'Hays, F.A.'      1 
'Teegarden, A.T.' 2 
'Jones, Z.J.R.'   3 
'Harms, M.'       4 
'Raup, D.'        5 
'Watson, J.'      6 
'Cavaliere, E.'   7 
'Ho, P.S.'        8 
# 
_citation.id                        primary 
_citation.title                     'How sequence defines structure: a crystallographic map of DNA structure and conformation.' 
_citation.journal_abbrev            Proc.Natl.Acad.Sci.Usa 
_citation.journal_volume            102 
_citation.page_first                7157 
_citation.page_last                 7162 
_citation.year                      2005 
_citation.journal_id_ASTM           PNASA6 
_citation.country                   US 
_citation.journal_id_ISSN           0027-8424 
_citation.journal_id_CSD            0040 
_citation.book_publisher            ? 
_citation.pdbx_database_id_PubMed   15870206 
_citation.pdbx_database_id_DOI      10.1073/pnas.0409455102 
# 
loop_
_citation_author.citation_id 
_citation_author.name 
_citation_author.ordinal 
_citation_author.identifier_ORCID 
primary 'Hays, F.A.'    1 ? 
primary 'Teegarden, A.' 2 ? 
primary 'Jones, Z.J.'   3 ? 
primary 'Harms, M.'     4 ? 
primary 'Raup, D.'      5 ? 
primary 'Watson, J.'    6 ? 
primary 'Cavaliere, E.' 7 ? 
primary 'Ho, P.S.'      8 ? 
# 
_entity.id                         1 
_entity.type                       polymer 
_entity.src_method                 syn 
_entity.pdbx_description           "5'-D(*CP*CP*GP*AP*AP*TP*TP*CP*GP*G)-3'" 
_entity.formula_weight             3045.005 
_entity.pdbx_number_of_molecules   1 
_entity.pdbx_ec                    ? 
_entity.pdbx_mutation              ? 
_entity.pdbx_fragment              ? 
_entity.details                    ? 
# 
_entity_poly.entity_id                      1 
_entity_poly.type                           polydeoxyribonucleotide 
_entity_poly.nstd_linkage                   no 
_entity_poly.nstd_monomer                   no 
_entity_poly.pdbx_seq_one_letter_code       '(DC)(DC)(DG)(DA)(DA)(DT)(DT)(DC)(DG)(DG)' 
_entity_poly.pdbx_seq_one_letter_code_can   CCGAATTCGG 
_entity_poly.pdbx_strand_id                 A 
_entity_poly.pdbx_target_identifier         ? 
# 
loop_
_entity_poly_seq.entity_id 
_entity_poly_seq.num 
_entity_poly_seq.mon_id 
_entity_poly_seq.hetero 
1 1  DC n 
1 2  DC n 
1 3  DG n 
1 4  DA n 
1 5  DA n 
1 6  DT n 
1 7  DT n 
1 8  DC n 
1 9  DG n 
1 10 DG n 
# 
_pdbx_entity_src_syn.entity_id              1 
_pdbx_entity_src_syn.pdbx_src_id            1 
_pdbx_entity_src_syn.pdbx_alt_source_flag   sample 
_pdbx_entity_src_syn.pdbx_beg_seq_num       ? 
_pdbx_entity_src_syn.pdbx_end_seq_num       ? 
_pdbx_entity_src_syn.organism_scientific    ? 
_pdbx_entity_src_syn.organism_common_name   ? 
_pdbx_entity_src_syn.ncbi_taxonomy_id       ? 
_pdbx_entity_src_syn.details                
;DNA WAS SYNTHESIZED ON AN APPLIED BIOSYSTEMS DNA SYNTHESIZER USING PHOSPHORAMIDITE CHEMISTRY, WITH THE TRITYL-PROTECTING GROUP LEFT INTACT AT THE 5'-TERMINAL NUCLEOTIDE THEN DEPROTECTED BY TREATMENT WITH 3% ACETIC ACID FOR FIFTEEN MINUTES, NEUTRALIZED WITH AMMONIUM HYDROXIDE, AND DESALTED ON A SIGMA G-25 SEPHADEX COLUMN.
;
# 
loop_
_chem_comp.id 
_chem_comp.type 
_chem_comp.mon_nstd_flag 
_chem_comp.name 
_chem_comp.pdbx_synonyms 
_chem_comp.formula 
_chem_comp.formula_weight 
DA 'DNA linking' y "2'-DEOXYADENOSINE-5'-MONOPHOSPHATE" ? 'C10 H14 N5 O6 P' 331.222 
DC 'DNA linking' y "2'-DEOXYCYTIDINE-5'-MONOPHOSPHATE"  ? 'C9 H14 N3 O7 P'  307.197 
DG 'DNA linking' y "2'-DEOXYGUANOSINE-5'-MONOPHOSPHATE" ? 'C10 H14 N5 O7 P' 347.221 
DT 'DNA linking' y "THYMIDINE-5'-MONOPHOSPHATE"         ? 'C10 H15 N2 O8 P' 322.208 
# 
loop_
_pdbx_poly_seq_scheme.asym_id 
_pdbx_poly_seq_scheme.entity_id 
_pdbx_poly_seq_scheme.seq_id 
_pdbx_poly_seq_scheme.mon_id 
_pdbx_poly_seq_scheme.ndb_seq_num 
_pdbx_poly_seq_scheme.pdb_seq_num 
_pdbx_poly_seq_scheme.auth_seq_num 
_pdbx_poly_seq_scheme.pdb_mon_id 
_pdbx_poly_seq_scheme.auth_mon_id 
_pdbx_poly_seq_scheme.pdb_strand_id 
_pdbx_poly_seq_scheme.pdb_ins_code 
_pdbx_poly_seq_scheme.hetero 
A 1 1  DC 1  1  1  DC C A . n 
A 1 2  DC 2  2  2  DC C A . n 
A 1 3  DG 3  3  3  DG G A . n 
A 1 4  DA 4  4  4  DA A A . n 
A 1 5  DA 5  5  5  DA A A . n 
A 1 6  DT 6  6  6  DT T A . n 
A 1 7  DT 7  7  7  DT T A . n 
A 1 8  DC 8  8  8  DC C A . n 
A 1 9  DG 9  9  9  DG G A . n 
A 1 10 DG 10 10 10 DG G A . n 
# 
loop_
_software.name 
_software.version 
_software.date 
_software.type 
_software.contact_author 
_software.contact_author_email 
_software.classification 
_software.location 
_software.language 
_software.citation_id 
_software.pdbx_ordinal 
CNS       1.1      ? ?       ?                    ?                     refinement       ? ?       ? 1 
SCALEPACK .        ? package 'Zbyszek Otwinowski' zbyszek@mix.swmed.edu 'data scaling'   
http://www.lnls.br/infra/linhasluz/denzo-hkl.htm ?       ? 2 
REFMAC    5.2.0005 ? program 'Murshudov, G.N.'    ccp4@dl.ac.uk         refinement       http://www.ccp4.ac.uk/main.html Fortran ? 
3 
EPMR      .        ? ?       ?                    ?                     phasing          ? ?       ? 4 
DENZO     .        ? package 'Zbyszek Otwinowski' zbyszek@mix.swmed.edu 'data reduction' 
http://www.lnls.br/infra/linhasluz/denzo-hkl.htm ?       ? 5 
# 
_cell.entry_id           1ZFF 
_cell.length_a           34.292 
_cell.length_b           20.318 
_cell.length_c           33.482 
_cell.angle_alpha        90.00 
_cell.angle_beta         112.00 
_cell.angle_gamma        90.00 
_cell.Z_PDB              4 
_cell.pdbx_unique_axis   ? 
# 
_symmetry.entry_id                         1ZFF 
_symmetry.space_group_name_H-M             'C 1 2 1' 
_symmetry.pdbx_full_space_group_name_H-M   ? 
_symmetry.cell_setting                     ? 
_symmetry.Int_Tables_number                5 
_symmetry.space_group_name_Hall            ? 
# 
_exptl.entry_id          1ZFF 
_exptl.method            'X-RAY DIFFRACTION' 
_exptl.crystals_number   1 
# 
_exptl_crystal.id                    1 
_exptl_crystal.density_meas          ? 
_exptl_crystal.density_Matthews      1.78 
_exptl_crystal.density_percent_sol   30.74 
_exptl_crystal.description           ? 
_exptl_crystal.F_000                 ? 
_exptl_crystal.preparation           ? 
# 
_exptl_crystal_grow.crystal_id      1 
_exptl_crystal_grow.method          ? 
_exptl_crystal_grow.temp            298 
_exptl_crystal_grow.temp_details    ? 
_exptl_crystal_grow.pH              7.00 
_exptl_crystal_grow.pdbx_details    
'Na Cacodylate, CaCl2, Spermine, MPD in resevoir, pH 7.0, VAPOR DIFFUSION, SITTING DROP, temperature 298K, pH 7.00' 
_exptl_crystal_grow.pdbx_pH_range   . 
# 
loop_
_exptl_crystal_grow_comp.crystal_id 
_exptl_crystal_grow_comp.id 
_exptl_crystal_grow_comp.sol_id 
_exptl_crystal_grow_comp.name 
_exptl_crystal_grow_comp.conc 
_exptl_crystal_grow_comp.volume 
_exptl_crystal_grow_comp.details 
1 1 1 'Na Cacodylate' ? ? ? 
1 2 1 CaCl2           ? ? ? 
1 3 1 Spermine        ? ? ? 
1 4 1 MPD             ? ? ? 
1 5 1 H2O             ? ? ? 
1 6 2 'Na Cacodylate' ? ? ? 
1 7 2 CaCl2           ? ? ? 
1 8 2 MPD             ? ? ? 
1 9 2 H2O             ? ? ? 
# 
_diffrn.id                     1 
_diffrn.ambient_temp           103.0 
_diffrn.ambient_temp_details   ? 
_diffrn.crystal_id             1 
# 
_diffrn_detector.diffrn_id              1 
_diffrn_detector.detector               CCD 
_diffrn_detector.type                   'ADSC QUANTUM 4' 
_diffrn_detector.pdbx_collection_date   2003-05-12 
_diffrn_detector.details                ? 
# 
_diffrn_radiation.diffrn_id                        1 
_diffrn_radiation.wavelength_id                    1 
_diffrn_radiation.pdbx_monochromatic_or_laue_m_l   M 
_diffrn_radiation.monochromator                    ? 
_diffrn_radiation.pdbx_diffrn_protocol             'SINGLE WAVELENGTH' 
_diffrn_radiation.pdbx_scattering_type             x-ray 
# 
_diffrn_radiation_wavelength.id           1 
_diffrn_radiation_wavelength.wavelength   0.9795 
_diffrn_radiation_wavelength.wt           1.0 
# 
_diffrn_source.diffrn_id                   1 
_diffrn_source.source                      SYNCHROTRON 
_diffrn_source.type                        'APS BEAMLINE 14-BM-D' 
_diffrn_source.pdbx_synchrotron_site       APS 
_diffrn_source.pdbx_synchrotron_beamline   14-BM-D 
_diffrn_source.pdbx_wavelength             0.9795 
_diffrn_source.pdbx_wavelength_list        ? 
# 
_reflns.entry_id                     1ZFF 
_reflns.observed_criterion_sigma_I   0.000 
_reflns.observed_criterion_sigma_F   ? 
_reflns.d_resolution_low             7.90 
_reflns.d_resolution_high            0.940 
_reflns.number_obs                   11437 
_reflns.number_all                   ? 
_reflns.percent_possible_obs         81.1 
_reflns.pdbx_Rmerge_I_obs            0.046 
_reflns.pdbx_Rsym_value              ? 
_reflns.pdbx_netI_over_sigmaI        11.2000 
_reflns.B_iso_Wilson_estimate        ? 
_reflns.pdbx_redundancy              ? 
_reflns.R_free_details               ? 
_reflns.pdbx_chi_squared             ? 
_reflns.pdbx_scaling_rejects         ? 
_reflns.pdbx_diffrn_id               1 
_reflns.pdbx_ordinal                 1 
# 
_reflns_shell.d_res_high             0.94 
_reflns_shell.d_res_low              0.97 
_reflns_shell.percent_possible_all   41.6 
_reflns_shell.Rmerge_I_obs           0.218 
_reflns_shell.pdbx_Rsym_value        ? 
_reflns_shell.meanI_over_sigI_obs    2.300 
_reflns_shell.pdbx_redundancy        ? 
_reflns_shell.percent_possible_obs   ? 
_reflns_shell.number_unique_all      ? 
_reflns_shell.number_measured_all    ? 
_reflns_shell.number_measured_obs    ? 
_reflns_shell.number_unique_obs      ? 
_reflns_shell.pdbx_chi_squared       ? 
_reflns_shell.pdbx_diffrn_id         ? 
_reflns_shell.pdbx_ordinal           1 
# 
_refine.entry_id                                 1ZFF 
_refine.ls_number_reflns_obs                     10948 
_refine.ls_number_reflns_all                     ? 
_refine.pdbx_ls_sigma_I                          ? 
_refine.pdbx_ls_sigma_F                          0.0 
_refine.pdbx_data_cutoff_high_absF               42618.16 
_refine.pdbx_data_cutoff_low_absF                0.000000 
_refine.pdbx_data_cutoff_high_rms_absF           ? 
_refine.ls_d_res_low                             7.72 
_refine.ls_d_res_high                            0.94 
_refine.ls_percent_reflns_obs                    82.3 
_refine.ls_R_factor_obs                          0.428 
_refine.ls_R_factor_all                          ? 
_refine.ls_R_factor_R_work                       0.428 
_refine.ls_R_factor_R_free                       0.444 
_refine.ls_R_factor_R_free_error                 0.013 
_refine.ls_R_factor_R_free_error_details         ? 
_refine.ls_percent_reflns_R_free                 10.3 
_refine.ls_number_reflns_R_free                  1133 
_refine.ls_number_parameters                     ? 
_refine.ls_number_restraints                     ? 
_refine.occupancy_min                            ? 
_refine.occupancy_max                            ? 
_refine.correlation_coeff_Fo_to_Fc               0.445 
_refine.correlation_coeff_Fo_to_Fc_free          0.430 
_refine.B_iso_mean                               3.03 
_refine.aniso_B[1][1]                            0.06000 
_refine.aniso_B[2][2]                            -0.10000 
_refine.aniso_B[3][3]                            0.04000 
_refine.aniso_B[1][2]                            0.00000 
_refine.aniso_B[1][3]                            0.00000 
_refine.aniso_B[2][3]                            0.00000 
_refine.solvent_model_details                    MASK 
_refine.solvent_model_param_ksol                 ? 
_refine.solvent_model_param_bsol                 ? 
_refine.pdbx_solvent_vdw_probe_radii             1.200 
_refine.pdbx_solvent_ion_probe_radii             0.800 
_refine.pdbx_solvent_shrinkage_radii             0.800 
_refine.pdbx_ls_cross_valid_method               THROUGHOUT 
_refine.details                                  
;STRUCTURE IS NOT FULLY REFINED TO ITS LOWEST R VALUES! THIS STRUCTURE WILL BE UPDATED AS THE STRUCTURE BECOMES BETTER REFINED. REFER TO MANUSCRIPT CITATION.
;
_refine.pdbx_starting_model                      'NDB ENTRY BD0034' 
_refine.pdbx_method_to_determine_struct          'MOLECULAR REPLACEMENT' 
_refine.pdbx_isotropic_thermal_model             ? 
_refine.pdbx_stereochemistry_target_values       'MAXIMUM LIKELIHOOD' 
_refine.pdbx_stereochem_target_val_spec_case     ? 
_refine.pdbx_R_Free_selection_details            RANDOM 
_refine.pdbx_overall_ESU_R                       0.076 
_refine.pdbx_overall_ESU_R_Free                  0.066 
_refine.overall_SU_ML                            0.136 
_refine.overall_SU_B                             5.500 
_refine.ls_redundancy_reflns_obs                 ? 
_refine.overall_SU_R_Cruickshank_DPI             ? 
_refine.overall_SU_R_free                        ? 
_refine.ls_wR_factor_R_free                      ? 
_refine.ls_wR_factor_R_work                      ? 
_refine.overall_FOM_free_R_set                   ? 
_refine.overall_FOM_work_R_set                   ? 
_refine.pdbx_refine_id                           'X-RAY DIFFRACTION' 
_refine.pdbx_diffrn_id                           1 
_refine.pdbx_TLS_residual_ADP_flag               ? 
_refine.pdbx_overall_phase_error                 ? 
_refine.pdbx_overall_SU_R_free_Cruickshank_DPI   ? 
_refine.pdbx_overall_SU_R_Blow_DPI               ? 
_refine.pdbx_overall_SU_R_free_Blow_DPI          ? 
# 
_refine_hist.pdbx_refine_id                   'X-RAY DIFFRACTION' 
_refine_hist.cycle_id                         LAST 
_refine_hist.pdbx_number_atoms_protein        0 
_refine_hist.pdbx_number_atoms_nucleic_acid   202 
_refine_hist.pdbx_number_atoms_ligand         0 
_refine_hist.number_atoms_solvent             0 
_refine_hist.number_atoms_total               202 
_refine_hist.d_res_high                       0.94 
_refine_hist.d_res_low                        7.72 
# 
loop_
_refine_ls_restr.type 
_refine_ls_restr.dev_ideal 
_refine_ls_restr.dev_ideal_target 
_refine_ls_restr.weight 
_refine_ls_restr.number 
_refine_ls_restr.pdbx_refine_id 
_refine_ls_restr.pdbx_restraint_function 
c_bond_d     0.004 ? 0.021 ? 'X-RAY DIFFRACTION' ? 
c_angle_deg  1.280 ? 3.000 ? 'X-RAY DIFFRACTION' ? 
c_scbond_it  0.255 ? 3.000 ? 'X-RAY DIFFRACTION' ? 
c_scangle_it 0.454 ? 4.500 ? 'X-RAY DIFFRACTION' ? 
# 
_refine_ls_shell.pdbx_total_number_of_bins_used   6 
_refine_ls_shell.d_res_high                       0.94 
_refine_ls_shell.d_res_low                        1.00 
_refine_ls_shell.number_reflns_R_work             1202 
_refine_ls_shell.R_factor_R_work                  0.456 
_refine_ls_shell.percent_reflns_obs               60.8 
_refine_ls_shell.R_factor_R_free                  0.427 
_refine_ls_shell.R_factor_R_free_error            0.040 
_refine_ls_shell.percent_reflns_R_free            10.6 
_refine_ls_shell.number_reflns_R_free             142 
_refine_ls_shell.redundancy_reflns_obs            ? 
_refine_ls_shell.pdbx_refine_id                   'X-RAY DIFFRACTION' 
_refine_ls_shell.number_reflns_all                ? 
_refine_ls_shell.R_factor_all                     ? 
# 
_struct.entry_id                  1ZFF 
_struct.title                     'TTC Duplex B-DNA' 
_struct.pdbx_model_details        ? 
_struct.pdbx_CASP_flag            ? 
_struct.pdbx_model_type_details   ? 
# 
_struct_keywords.text            'Crystallographic Screen, DNA Structure, Holliday Junction, Molecular Structure, DNA' 
_struct_keywords.entry_id        1ZFF 
_struct_keywords.pdbx_keywords   DNA 
# 
_struct_asym.id                            A 
_struct_asym.pdbx_blank_PDB_chainid_flag   N 
_struct_asym.pdbx_modified                 N 
_struct_asym.entity_id                     1 
_struct_asym.details                       ? 
# 
_struct_ref.id                         1 
_struct_ref.entity_id                  1 
_struct_ref.db_name                    PDB 
_struct_ref.db_code                    1ZFF 
_struct_ref.pdbx_db_accession          1ZFF 
_struct_ref.pdbx_db_isoform            ? 
_struct_ref.pdbx_seq_one_letter_code   ? 
_struct_ref.pdbx_align_begin           ? 
# 
_struct_ref_seq.align_id                      1 
_struct_ref_seq.ref_id                        1 
_struct_ref_seq.pdbx_PDB_id_code              1ZFF 
_struct_ref_seq.pdbx_strand_id                A 
_struct_ref_seq.seq_align_beg                 1 
_struct_ref_seq.pdbx_seq_align_beg_ins_code   ? 
_struct_ref_seq.seq_align_end                 10 
_struct_ref_seq.pdbx_seq_align_end_ins_code   ? 
_struct_ref_seq.pdbx_db_accession             1ZFF 
_struct_ref_seq.db_align_beg                  1 
_struct_ref_seq.pdbx_db_align_beg_ins_code    ? 
_struct_ref_seq.db_align_end                  10 
_struct_ref_seq.pdbx_db_align_end_ins_code    ? 
_struct_ref_seq.pdbx_auth_seq_align_beg       1 
_struct_ref_seq.pdbx_auth_seq_align_end       10 
# 
_pdbx_struct_assembly.id                   1 
_pdbx_struct_assembly.details              author_defined_assembly 
_pdbx_struct_assembly.method_details       ? 
_pdbx_struct_assembly.oligomeric_details   dimeric 
_pdbx_struct_assembly.oligomeric_count     2 
# 
_pdbx_struct_assembly_gen.assembly_id       1 
_pdbx_struct_assembly_gen.oper_expression   1,2 
_pdbx_struct_assembly_gen.asym_id_list      A 
# 
loop_
_pdbx_struct_oper_list.id 
_pdbx_struct_oper_list.type 
_pdbx_struct_oper_list.name 
_pdbx_struct_oper_list.symmetry_operation 
_pdbx_struct_oper_list.matrix[1][1] 
_pdbx_struct_oper_list.matrix[1][2] 
_pdbx_struct_oper_list.matrix[1][3] 
_pdbx_struct_oper_list.vector[1] 
_pdbx_struct_oper_list.matrix[2][1] 
_pdbx_struct_oper_list.matrix[2][2] 
_pdbx_struct_oper_list.matrix[2][3] 
_pdbx_struct_oper_list.vector[2] 
_pdbx_struct_oper_list.matrix[3][1] 
_pdbx_struct_oper_list.matrix[3][2] 
_pdbx_struct_oper_list.matrix[3][3] 
_pdbx_struct_oper_list.vector[3] 
1 'identity operation'         1_555 x,y,z       1.0000000000  0.0000000000  0.0000000000 0.0000000000  0.0000000000  1.0000000000  0.0000000000  0.0000000000  0.0000000000 0.0000000000  1.0000000000  0.0000000000 
2 'crystal symmetry operation' 2_656 -x+1,y,-z+1 -0.1818951411 -0.5726932738 0.7993350811 -0.4696500447 -0.5726932738 -0.5991007971 -0.5595539733 -0.4704020423 0.7993350811 -0.5595539733 -0.2190040618 0.1436530195 
# 
_struct_biol.id                    1 
_struct_biol.pdbx_parent_biol_id   ? 
_struct_biol.details               ? 
# 
loop_
_struct_conn.id 
_struct_conn.conn_type_id 
_struct_conn.pdbx_leaving_atom_flag 
_struct_conn.pdbx_PDB_id 
_struct_conn.ptnr1_label_asym_id 
_struct_conn.ptnr1_label_comp_id 
_struct_conn.ptnr1_label_seq_id 
_struct_conn.ptnr1_label_atom_id 
_struct_conn.pdbx_ptnr1_label_alt_id 
_struct_conn.pdbx_ptnr1_PDB_ins_code 
_struct_conn.pdbx_ptnr1_standard_comp_id 
_struct_conn.ptnr1_symmetry 
_struct_conn.ptnr2_label_asym_id 
_struct_conn.ptnr2_label_comp_id 
_struct_conn.ptnr2_label_seq_id 
_struct_conn.ptnr2_label_atom_id 
_struct_conn.pdbx_ptnr2_label_alt_id 
_struct_conn.pdbx_ptnr2_PDB_ins_code 
_struct_conn.ptnr1_auth_asym_id 
_struct_conn.ptnr1_auth_comp_id 
_struct_conn.ptnr1_auth_seq_id 
_struct_conn.ptnr2_auth_asym_id 
_struct_conn.ptnr2_auth_comp_id 
_struct_conn.ptnr2_auth_seq_id 
_struct_conn.ptnr2_symmetry 
_struct_conn.pdbx_ptnr3_label_atom_id 
_struct_conn.pdbx_ptnr3_label_seq_id 
_struct_conn.pdbx_ptnr3_label_comp_id 
_struct_conn.pdbx_ptnr3_label_asym_id 
_struct_conn.pdbx_ptnr3_label_alt_id 
_struct_conn.pdbx_ptnr3_PDB_ins_code 
_struct_conn.details 
_struct_conn.pdbx_dist_value 
_struct_conn.pdbx_value_order 
_struct_conn.pdbx_role 
hydrog1  hydrog ? ? A DC 1  O2 ? ? ? 1_555 A DG 10 N2 ? ? A DC 1  A DG 10 2_656 ? ? ? ? ? ? 'DC-DG PAIR' ? ? ? 
hydrog2  hydrog ? ? A DC 2  N3 ? ? ? 1_555 A DG 9  N1 ? ? A DC 2  A DG 9  2_656 ? ? ? ? ? ? WATSON-CRICK ? ? ? 
hydrog3  hydrog ? ? A DC 2  N4 ? ? ? 1_555 A DG 9  O6 ? ? A DC 2  A DG 9  2_656 ? ? ? ? ? ? WATSON-CRICK ? ? ? 
hydrog4  hydrog ? ? A DC 2  O2 ? ? ? 1_555 A DG 9  N2 ? ? A DC 2  A DG 9  2_656 ? ? ? ? ? ? WATSON-CRICK ? ? ? 
hydrog5  hydrog ? ? A DG 3  N1 ? ? ? 1_555 A DC 8  N3 ? ? A DG 3  A DC 8  2_656 ? ? ? ? ? ? WATSON-CRICK ? ? ? 
hydrog6  hydrog ? ? A DG 3  N2 ? ? ? 1_555 A DC 8  O2 ? ? A DG 3  A DC 8  2_656 ? ? ? ? ? ? WATSON-CRICK ? ? ? 
hydrog7  hydrog ? ? A DG 3  O6 ? ? ? 1_555 A DC 8  N4 ? ? A DG 3  A DC 8  2_656 ? ? ? ? ? ? WATSON-CRICK ? ? ? 
hydrog8  hydrog ? ? A DA 4  N1 ? ? ? 1_555 A DT 7  N3 ? ? A DA 4  A DT 7  2_656 ? ? ? ? ? ? 'DA-DT PAIR' ? ? ? 
hydrog9  hydrog ? ? A DA 5  N1 ? ? ? 1_555 A DT 6  N3 ? ? A DA 5  A DT 6  2_656 ? ? ? ? ? ? WATSON-CRICK ? ? ? 
hydrog10 hydrog ? ? A DA 5  N6 ? ? ? 1_555 A DT 6  O4 ? ? A DA 5  A DT 6  2_656 ? ? ? ? ? ? WATSON-CRICK ? ? ? 
hydrog11 hydrog ? ? A DT 6  N3 ? ? ? 1_555 A DA 5  N1 ? ? A DT 6  A DA 5  2_656 ? ? ? ? ? ? WATSON-CRICK ? ? ? 
hydrog12 hydrog ? ? A DT 6  O4 ? ? ? 1_555 A DA 5  N6 ? ? A DT 6  A DA 5  2_656 ? ? ? ? ? ? WATSON-CRICK ? ? ? 
hydrog13 hydrog ? ? A DT 7  N3 ? ? ? 1_555 A DA 4  N1 ? ? A DT 7  A DA 4  2_656 ? ? ? ? ? ? 'DT-DA PAIR' ? ? ? 
hydrog14 hydrog ? ? A DC 8  N3 ? ? ? 1_555 A DG 3  N1 ? ? A DC 8  A DG 3  2_656 ? ? ? ? ? ? WATSON-CRICK ? ? ? 
hydrog15 hydrog ? ? A DC 8  N4 ? ? ? 1_555 A DG 3  O6 ? ? A DC 8  A DG 3  2_656 ? ? ? ? ? ? WATSON-CRICK ? ? ? 
hydrog16 hydrog ? ? A DC 8  O2 ? ? ? 1_555 A DG 3  N2 ? ? A DC 8  A DG 3  2_656 ? ? ? ? ? ? WATSON-CRICK ? ? ? 
hydrog17 hydrog ? ? A DG 9  N1 ? ? ? 1_555 A DC 2  N3 ? ? A DG 9  A DC 2  2_656 ? ? ? ? ? ? WATSON-CRICK ? ? ? 
hydrog18 hydrog ? ? A DG 9  N2 ? ? ? 1_555 A DC 2  O2 ? ? A DG 9  A DC 2  2_656 ? ? ? ? ? ? WATSON-CRICK ? ? ? 
hydrog19 hydrog ? ? A DG 9  O6 ? ? ? 1_555 A DC 2  N4 ? ? A DG 9  A DC 2  2_656 ? ? ? ? ? ? WATSON-CRICK ? ? ? 
hydrog20 hydrog ? ? A DG 10 N1 ? ? ? 1_555 A DC 1  N3 ? ? A DG 10 A DC 1  2_656 ? ? ? ? ? ? 'DG-DC PAIR' ? ? ? 
# 
_struct_conn_type.id          hydrog 
_struct_conn_type.criteria    ? 
_struct_conn_type.reference   ? 
# 
loop_
_pdbx_validate_planes.id 
_pdbx_validate_planes.PDB_model_num 
_pdbx_validate_planes.auth_comp_id 
_pdbx_validate_planes.auth_asym_id 
_pdbx_validate_planes.auth_seq_id 
_pdbx_validate_planes.PDB_ins_code 
_pdbx_validate_planes.label_alt_id 
_pdbx_validate_planes.rmsd 
_pdbx_validate_planes.type 
1 1 DC A 1  ? ? 0.096 'SIDE CHAIN' 
2 1 DG A 10 ? ? 0.059 'SIDE CHAIN' 
# 
loop_
_chem_comp_atom.comp_id 
_chem_comp_atom.atom_id 
_chem_comp_atom.type_symbol 
_chem_comp_atom.pdbx_aromatic_flag 
_chem_comp_atom.pdbx_stereo_config 
_chem_comp_atom.pdbx_ordinal 
DA OP3    O N N 1   
DA P      P N N 2   
DA OP1    O N N 3   
DA OP2    O N N 4   
DA "O5'"  O N N 5   
DA "C5'"  C N N 6   
DA "C4'"  C N R 7   
DA "O4'"  O N N 8   
DA "C3'"  C N S 9   
DA "O3'"  O N N 10  
DA "C2'"  C N N 11  
DA "C1'"  C N R 12  
DA N9     N Y N 13  
DA C8     C Y N 14  
DA N7     N Y N 15  
DA C5     C Y N 16  
DA C6     C Y N 17  
DA N6     N N N 18  
DA N1     N Y N 19  
DA C2     C Y N 20  
DA N3     N Y N 21  
DA C4     C Y N 22  
DA HOP3   H N N 23  
DA HOP2   H N N 24  
DA "H5'"  H N N 25  
DA "H5''" H N N 26  
DA "H4'"  H N N 27  
DA "H3'"  H N N 28  
DA "HO3'" H N N 29  
DA "H2'"  H N N 30  
DA "H2''" H N N 31  
DA "H1'"  H N N 32  
DA H8     H N N 33  
DA H61    H N N 34  
DA H62    H N N 35  
DA H2     H N N 36  
DC OP3    O N N 37  
DC P      P N N 38  
DC OP1    O N N 39  
DC OP2    O N N 40  
DC "O5'"  O N N 41  
DC "C5'"  C N N 42  
DC "C4'"  C N R 43  
DC "O4'"  O N N 44  
DC "C3'"  C N S 45  
DC "O3'"  O N N 46  
DC "C2'"  C N N 47  
DC "C1'"  C N R 48  
DC N1     N N N 49  
DC C2     C N N 50  
DC O2     O N N 51  
DC N3     N N N 52  
DC C4     C N N 53  
DC N4     N N N 54  
DC C5     C N N 55  
DC C6     C N N 56  
DC HOP3   H N N 57  
DC HOP2   H N N 58  
DC "H5'"  H N N 59  
DC "H5''" H N N 60  
DC "H4'"  H N N 61  
DC "H3'"  H N N 62  
DC "HO3'" H N N 63  
DC "H2'"  H N N 64  
DC "H2''" H N N 65  
DC "H1'"  H N N 66  
DC H41    H N N 67  
DC H42    H N N 68  
DC H5     H N N 69  
DC H6     H N N 70  
DG OP3    O N N 71  
DG P      P N N 72  
DG OP1    O N N 73  
DG OP2    O N N 74  
DG "O5'"  O N N 75  
DG "C5'"  C N N 76  
DG "C4'"  C N R 77  
DG "O4'"  O N N 78  
DG "C3'"  C N S 79  
DG "O3'"  O N N 80  
DG "C2'"  C N N 81  
DG "C1'"  C N R 82  
DG N9     N Y N 83  
DG C8     C Y N 84  
DG N7     N Y N 85  
DG C5     C Y N 86  
DG C6     C N N 87  
DG O6     O N N 88  
DG N1     N N N 89  
DG C2     C N N 90  
DG N2     N N N 91  
DG N3     N N N 92  
DG C4     C Y N 93  
DG HOP3   H N N 94  
DG HOP2   H N N 95  
DG "H5'"  H N N 96  
DG "H5''" H N N 97  
DG "H4'"  H N N 98  
DG "H3'"  H N N 99  
DG "HO3'" H N N 100 
DG "H2'"  H N N 101 
DG "H2''" H N N 102 
DG "H1'"  H N N 103 
DG H8     H N N 104 
DG H1     H N N 105 
DG H21    H N N 106 
DG H22    H N N 107 
DT OP3    O N N 108 
DT P      P N N 109 
DT OP1    O N N 110 
DT OP2    O N N 111 
DT "O5'"  O N N 112 
DT "C5'"  C N N 113 
DT "C4'"  C N R 114 
DT "O4'"  O N N 115 
DT "C3'"  C N S 116 
DT "O3'"  O N N 117 
DT "C2'"  C N N 118 
DT "C1'"  C N R 119 
DT N1     N N N 120 
DT C2     C N N 121 
DT O2     O N N 122 
DT N3     N N N 123 
DT C4     C N N 124 
DT O4     O N N 125 
DT C5     C N N 126 
DT C7     C N N 127 
DT C6     C N N 128 
DT HOP3   H N N 129 
DT HOP2   H N N 130 
DT "H5'"  H N N 131 
DT "H5''" H N N 132 
DT "H4'"  H N N 133 
DT "H3'"  H N N 134 
DT "HO3'" H N N 135 
DT "H2'"  H N N 136 
DT "H2''" H N N 137 
DT "H1'"  H N N 138 
DT H3     H N N 139 
DT H71    H N N 140 
DT H72    H N N 141 
DT H73    H N N 142 
DT H6     H N N 143 
# 
loop_
_chem_comp_bond.comp_id 
_chem_comp_bond.atom_id_1 
_chem_comp_bond.atom_id_2 
_chem_comp_bond.value_order 
_chem_comp_bond.pdbx_aromatic_flag 
_chem_comp_bond.pdbx_stereo_config 
_chem_comp_bond.pdbx_ordinal 
DA OP3   P      sing N N 1   
DA OP3   HOP3   sing N N 2   
DA P     OP1    doub N N 3   
DA P     OP2    sing N N 4   
DA P     "O5'"  sing N N 5   
DA OP2   HOP2   sing N N 6   
DA "O5'" "C5'"  sing N N 7   
DA "C5'" "C4'"  sing N N 8   
DA "C5'" "H5'"  sing N N 9   
DA "C5'" "H5''" sing N N 10  
DA "C4'" "O4'"  sing N N 11  
DA "C4'" "C3'"  sing N N 12  
DA "C4'" "H4'"  sing N N 13  
DA "O4'" "C1'"  sing N N 14  
DA "C3'" "O3'"  sing N N 15  
DA "C3'" "C2'"  sing N N 16  
DA "C3'" "H3'"  sing N N 17  
DA "O3'" "HO3'" sing N N 18  
DA "C2'" "C1'"  sing N N 19  
DA "C2'" "H2'"  sing N N 20  
DA "C2'" "H2''" sing N N 21  
DA "C1'" N9     sing N N 22  
DA "C1'" "H1'"  sing N N 23  
DA N9    C8     sing Y N 24  
DA N9    C4     sing Y N 25  
DA C8    N7     doub Y N 26  
DA C8    H8     sing N N 27  
DA N7    C5     sing Y N 28  
DA C5    C6     sing Y N 29  
DA C5    C4     doub Y N 30  
DA C6    N6     sing N N 31  
DA C6    N1     doub Y N 32  
DA N6    H61    sing N N 33  
DA N6    H62    sing N N 34  
DA N1    C2     sing Y N 35  
DA C2    N3     doub Y N 36  
DA C2    H2     sing N N 37  
DA N3    C4     sing Y N 38  
DC OP3   P      sing N N 39  
DC OP3   HOP3   sing N N 40  
DC P     OP1    doub N N 41  
DC P     OP2    sing N N 42  
DC P     "O5'"  sing N N 43  
DC OP2   HOP2   sing N N 44  
DC "O5'" "C5'"  sing N N 45  
DC "C5'" "C4'"  sing N N 46  
DC "C5'" "H5'"  sing N N 47  
DC "C5'" "H5''" sing N N 48  
DC "C4'" "O4'"  sing N N 49  
DC "C4'" "C3'"  sing N N 50  
DC "C4'" "H4'"  sing N N 51  
DC "O4'" "C1'"  sing N N 52  
DC "C3'" "O3'"  sing N N 53  
DC "C3'" "C2'"  sing N N 54  
DC "C3'" "H3'"  sing N N 55  
DC "O3'" "HO3'" sing N N 56  
DC "C2'" "C1'"  sing N N 57  
DC "C2'" "H2'"  sing N N 58  
DC "C2'" "H2''" sing N N 59  
DC "C1'" N1     sing N N 60  
DC "C1'" "H1'"  sing N N 61  
DC N1    C2     sing N N 62  
DC N1    C6     sing N N 63  
DC C2    O2     doub N N 64  
DC C2    N3     sing N N 65  
DC N3    C4     doub N N 66  
DC C4    N4     sing N N 67  
DC C4    C5     sing N N 68  
DC N4    H41    sing N N 69  
DC N4    H42    sing N N 70  
DC C5    C6     doub N N 71  
DC C5    H5     sing N N 72  
DC C6    H6     sing N N 73  
DG OP3   P      sing N N 74  
DG OP3   HOP3   sing N N 75  
DG P     OP1    doub N N 76  
DG P     OP2    sing N N 77  
DG P     "O5'"  sing N N 78  
DG OP2   HOP2   sing N N 79  
DG "O5'" "C5'"  sing N N 80  
DG "C5'" "C4'"  sing N N 81  
DG "C5'" "H5'"  sing N N 82  
DG "C5'" "H5''" sing N N 83  
DG "C4'" "O4'"  sing N N 84  
DG "C4'" "C3'"  sing N N 85  
DG "C4'" "H4'"  sing N N 86  
DG "O4'" "C1'"  sing N N 87  
DG "C3'" "O3'"  sing N N 88  
DG "C3'" "C2'"  sing N N 89  
DG "C3'" "H3'"  sing N N 90  
DG "O3'" "HO3'" sing N N 91  
DG "C2'" "C1'"  sing N N 92  
DG "C2'" "H2'"  sing N N 93  
DG "C2'" "H2''" sing N N 94  
DG "C1'" N9     sing N N 95  
DG "C1'" "H1'"  sing N N 96  
DG N9    C8     sing Y N 97  
DG N9    C4     sing Y N 98  
DG C8    N7     doub Y N 99  
DG C8    H8     sing N N 100 
DG N7    C5     sing Y N 101 
DG C5    C6     sing N N 102 
DG C5    C4     doub Y N 103 
DG C6    O6     doub N N 104 
DG C6    N1     sing N N 105 
DG N1    C2     sing N N 106 
DG N1    H1     sing N N 107 
DG C2    N2     sing N N 108 
DG C2    N3     doub N N 109 
DG N2    H21    sing N N 110 
DG N2    H22    sing N N 111 
DG N3    C4     sing N N 112 
DT OP3   P      sing N N 113 
DT OP3   HOP3   sing N N 114 
DT P     OP1    doub N N 115 
DT P     OP2    sing N N 116 
DT P     "O5'"  sing N N 117 
DT OP2   HOP2   sing N N 118 
DT "O5'" "C5'"  sing N N 119 
DT "C5'" "C4'"  sing N N 120 
DT "C5'" "H5'"  sing N N 121 
DT "C5'" "H5''" sing N N 122 
DT "C4'" "O4'"  sing N N 123 
DT "C4'" "C3'"  sing N N 124 
DT "C4'" "H4'"  sing N N 125 
DT "O4'" "C1'"  sing N N 126 
DT "C3'" "O3'"  sing N N 127 
DT "C3'" "C2'"  sing N N 128 
DT "C3'" "H3'"  sing N N 129 
DT "O3'" "HO3'" sing N N 130 
DT "C2'" "C1'"  sing N N 131 
DT "C2'" "H2'"  sing N N 132 
DT "C2'" "H2''" sing N N 133 
DT "C1'" N1     sing N N 134 
DT "C1'" "H1'"  sing N N 135 
DT N1    C2     sing N N 136 
DT N1    C6     sing N N 137 
DT C2    O2     doub N N 138 
DT C2    N3     sing N N 139 
DT N3    C4     sing N N 140 
DT N3    H3     sing N N 141 
DT C4    O4     doub N N 142 
DT C4    C5     sing N N 143 
DT C5    C7     sing N N 144 
DT C5    C6     doub N N 145 
DT C7    H71    sing N N 146 
DT C7    H72    sing N N 147 
DT C7    H73    sing N N 148 
DT C6    H6     sing N N 149 
# 
_ndb_struct_conf_na.entry_id   1ZFF 
_ndb_struct_conf_na.feature    'b-form double helix' 
# 
loop_
_ndb_struct_na_base_pair.model_number 
_ndb_struct_na_base_pair.i_label_asym_id 
_ndb_struct_na_base_pair.i_label_comp_id 
_ndb_struct_na_base_pair.i_label_seq_id 
_ndb_struct_na_base_pair.i_symmetry 
_ndb_struct_na_base_pair.j_label_asym_id 
_ndb_struct_na_base_pair.j_label_comp_id 
_ndb_struct_na_base_pair.j_label_seq_id 
_ndb_struct_na_base_pair.j_symmetry 
_ndb_struct_na_base_pair.shear 
_ndb_struct_na_base_pair.stretch 
_ndb_struct_na_base_pair.stagger 
_ndb_struct_na_base_pair.buckle 
_ndb_struct_na_base_pair.propeller 
_ndb_struct_na_base_pair.opening 
_ndb_struct_na_base_pair.pair_number 
_ndb_struct_na_base_pair.pair_name 
_ndb_struct_na_base_pair.i_auth_asym_id 
_ndb_struct_na_base_pair.i_auth_seq_id 
_ndb_struct_na_base_pair.i_PDB_ins_code 
_ndb_struct_na_base_pair.j_auth_asym_id 
_ndb_struct_na_base_pair.j_auth_seq_id 
_ndb_struct_na_base_pair.j_PDB_ins_code 
_ndb_struct_na_base_pair.hbond_type_28 
_ndb_struct_na_base_pair.hbond_type_12 
1 A DC 1  1_555 A DG 10 2_656 -1.009 0.480  0.029  0.686   -3.451  9.940  1  A_DC1:DG10_A A 1  ? A 10 ? ?  1 
1 A DC 2  1_555 A DG 9  2_656 1.701  -0.771 0.078  2.090   -7.049  -8.876 2  A_DC2:DG9_A  A 2  ? A 9  ? 19 1 
1 A DG 3  1_555 A DC 8  2_656 -0.535 -0.431 -0.311 -18.124 -5.543  2.617  3  A_DG3:DC8_A  A 3  ? A 8  ? 19 1 
1 A DA 4  1_555 A DT 7  2_656 -1.788 0.146  0.331  8.241   -8.015  23.942 4  A_DA4:DT7_A  A 4  ? A 7  ? ?  1 
1 A DA 5  1_555 A DT 6  2_656 0.456  0.374  -0.127 4.432   -12.153 -2.985 5  A_DA5:DT6_A  A 5  ? A 6  ? 20 1 
1 A DT 6  1_555 A DA 5  2_656 -0.456 0.374  -0.127 -4.432  -12.153 -2.985 6  A_DT6:DA5_A  A 6  ? A 5  ? 20 1 
1 A DT 7  1_555 A DA 4  2_656 1.788  0.146  0.331  -8.241  -8.014  23.942 7  A_DT7:DA4_A  A 7  ? A 4  ? ?  1 
1 A DC 8  1_555 A DG 3  2_656 0.535  -0.431 -0.311 18.124  -5.543  2.617  8  A_DC8:DG3_A  A 8  ? A 3  ? 19 1 
1 A DG 9  1_555 A DC 2  2_656 -1.701 -0.771 0.078  -2.090  -7.049  -8.876 9  A_DG9:DC2_A  A 9  ? A 2  ? 19 1 
1 A DG 10 1_555 A DC 1  2_656 1.009  0.480  0.029  -0.686  -3.451  9.939  10 A_DG10:DC1_A A 10 ? A 1  ? ?  1 
# 
loop_
_ndb_struct_na_base_pair_step.model_number 
_ndb_struct_na_base_pair_step.i_label_asym_id_1 
_ndb_struct_na_base_pair_step.i_label_comp_id_1 
_ndb_struct_na_base_pair_step.i_label_seq_id_1 
_ndb_struct_na_base_pair_step.i_symmetry_1 
_ndb_struct_na_base_pair_step.j_label_asym_id_1 
_ndb_struct_na_base_pair_step.j_label_comp_id_1 
_ndb_struct_na_base_pair_step.j_label_seq_id_1 
_ndb_struct_na_base_pair_step.j_symmetry_1 
_ndb_struct_na_base_pair_step.i_label_asym_id_2 
_ndb_struct_na_base_pair_step.i_label_comp_id_2 
_ndb_struct_na_base_pair_step.i_label_seq_id_2 
_ndb_struct_na_base_pair_step.i_symmetry_2 
_ndb_struct_na_base_pair_step.j_label_asym_id_2 
_ndb_struct_na_base_pair_step.j_label_comp_id_2 
_ndb_struct_na_base_pair_step.j_label_seq_id_2 
_ndb_struct_na_base_pair_step.j_symmetry_2 
_ndb_struct_na_base_pair_step.shift 
_ndb_struct_na_base_pair_step.slide 
_ndb_struct_na_base_pair_step.rise 
_ndb_struct_na_base_pair_step.tilt 
_ndb_struct_na_base_pair_step.roll 
_ndb_struct_na_base_pair_step.twist 
_ndb_struct_na_base_pair_step.x_displacement 
_ndb_struct_na_base_pair_step.y_displacement 
_ndb_struct_na_base_pair_step.helical_rise 
_ndb_struct_na_base_pair_step.inclination 
_ndb_struct_na_base_pair_step.tip 
_ndb_struct_na_base_pair_step.helical_twist 
_ndb_struct_na_base_pair_step.step_number 
_ndb_struct_na_base_pair_step.step_name 
_ndb_struct_na_base_pair_step.i_auth_asym_id_1 
_ndb_struct_na_base_pair_step.i_auth_seq_id_1 
_ndb_struct_na_base_pair_step.i_PDB_ins_code_1 
_ndb_struct_na_base_pair_step.j_auth_asym_id_1 
_ndb_struct_na_base_pair_step.j_auth_seq_id_1 
_ndb_struct_na_base_pair_step.j_PDB_ins_code_1 
_ndb_struct_na_base_pair_step.i_auth_asym_id_2 
_ndb_struct_na_base_pair_step.i_auth_seq_id_2 
_ndb_struct_na_base_pair_step.i_PDB_ins_code_2 
_ndb_struct_na_base_pair_step.j_auth_asym_id_2 
_ndb_struct_na_base_pair_step.j_auth_seq_id_2 
_ndb_struct_na_base_pair_step.j_PDB_ins_code_2 
1 A DC 1 1_555 A DG 10 2_656 A DC 2  1_555 A DG 9 2_656 -1.107 0.941 3.295 -2.500 11.805 41.265 0.045  1.250  3.483 16.334 3.460   
42.919 1 AA_DC1DC2:DG9DG10_AA A 1 ? A 10 ? A 2  ? A 9 ? 
1 A DC 2 1_555 A DG 9  2_656 A DG 3  1_555 A DC 8 2_656 1.149  1.473 3.595 5.007  3.651  38.373 1.706  -1.032 3.828 5.510  -7.557  
38.851 2 AA_DC2DG3:DC8DG9_AA  A 2 ? A 9  ? A 3  ? A 8 ? 
1 A DG 3 1_555 A DC 8  2_656 A DA 4  1_555 A DT 7 2_656 0.895  0.213 2.692 -5.385 3.936  24.871 -0.406 -3.218 2.451 8.935  12.224  
25.736 3 AA_DG3DA4:DT7DC8_AA  A 3 ? A 8  ? A 4  ? A 7 ? 
1 A DA 4 1_555 A DT 7  2_656 A DA 5  1_555 A DT 6 2_656 -0.771 0.290 3.339 2.510  2.915  40.038 0.086  1.411  3.298 4.245  -3.656  
40.215 4 AA_DA4DA5:DT6DT7_AA  A 4 ? A 7  ? A 5  ? A 6 ? 
1 A DA 5 1_555 A DT 6  2_656 A DT 6  1_555 A DA 5 2_656 0.000  0.336 3.250 0.000  -0.195 40.428 0.507  0.000  3.248 -0.282 0.000   
40.429 5 AA_DA5DT6:DA5DT6_AA  A 5 ? A 6  ? A 6  ? A 5 ? 
1 A DT 6 1_555 A DA 5  2_656 A DT 7  1_555 A DA 4 2_656 0.771  0.290 3.339 -2.510 2.915  40.038 0.086  -1.411 3.298 4.245  3.656   
40.215 6 AA_DT6DT7:DA4DA5_AA  A 6 ? A 5  ? A 7  ? A 4 ? 
1 A DT 7 1_555 A DA 4  2_656 A DC 8  1_555 A DG 3 2_656 -0.895 0.213 2.692 5.385  3.936  24.871 -0.406 3.218  2.451 8.935  -12.225 
25.736 7 AA_DT7DC8:DG3DA4_AA  A 7 ? A 4  ? A 8  ? A 3 ? 
1 A DC 8 1_555 A DG 3  2_656 A DG 9  1_555 A DC 2 2_656 -1.149 1.473 3.595 -5.007 3.651  38.373 1.706  1.032  3.828 5.510  7.557   
38.851 8 AA_DC8DG9:DC2DG3_AA  A 8 ? A 3  ? A 9  ? A 2 ? 
1 A DG 9 1_555 A DC 2  2_656 A DG 10 1_555 A DC 1 2_656 1.107  0.941 3.295 2.500  11.805 41.265 0.045  -1.250 3.483 16.334 -3.460  
42.919 9 AA_DG9DG10:DC1DC2_AA A 9 ? A 2  ? A 10 ? A 1 ? 
# 
_pdbx_initial_refinement_model.accession_code   1EN8 
_pdbx_initial_refinement_model.id               1 
_pdbx_initial_refinement_model.entity_id_list   ? 
_pdbx_initial_refinement_model.type             'experimental model' 
_pdbx_initial_refinement_model.source_name      PDB 
_pdbx_initial_refinement_model.details          'NDB ENTRY BD0034' 
# 
_atom_sites.entry_id                    1ZFF 
_atom_sites.fract_transf_matrix[1][1]   -0.02385680 
_atom_sites.fract_transf_matrix[1][2]   -0.00740933 
_atom_sites.fract_transf_matrix[1][3]   0.01910849 
_atom_sites.fract_transf_matrix[2][1]   0.03147782 
_atom_sites.fract_transf_matrix[2][2]   -0.02203524 
_atom_sites.fract_transf_matrix[2][3]   0.03075562 
_atom_sites.fract_transf_matrix[3][1]   -0.00542591 
_atom_sites.fract_transf_matrix[3][2]   0.02291951 
_atom_sites.fract_transf_matrix[3][3]   0.02197427 
_atom_sites.fract_transf_vector[1]      0.491280 
_atom_sites.fract_transf_vector[2]      0.669648 
_atom_sites.fract_transf_vector[3]      0.502532 
# 
loop_
_atom_type.symbol 
C 
N 
O 
P 
# 
loop_
_atom_site.group_PDB 
_atom_site.id 
_atom_site.type_symbol 
_atom_site.label_atom_id 
_atom_site.label_alt_id 
_atom_site.label_comp_id 
_atom_site.label_asym_id 
_atom_site.label_entity_id 
_atom_site.label_seq_id 
_atom_site.pdbx_PDB_ins_code 
_atom_site.Cartn_x 
_atom_site.Cartn_y 
_atom_site.Cartn_z 
_atom_site.occupancy 
_atom_site.B_iso_or_equiv 
_atom_site.pdbx_formal_charge 
_atom_site.auth_seq_id 
_atom_site.auth_comp_id 
_atom_site.auth_asym_id 
_atom_site.auth_atom_id 
_atom_site.pdbx_PDB_model_num 
ATOM 1   O "O5'" . DC A 1 1  ? -7.590 -16.977 -0.875 0.50 3.63 ? 1  DC A "O5'" 1 
ATOM 2   C "C5'" . DC A 1 1  ? -6.771 -16.002 -0.212 0.50 3.52 ? 1  DC A "C5'" 1 
ATOM 3   C "C4'" . DC A 1 1  ? -5.301 -16.262 -0.444 0.50 3.00 ? 1  DC A "C4'" 1 
ATOM 4   O "O4'" . DC A 1 1  ? -4.959 -15.894 -1.801 0.50 2.88 ? 1  DC A "O4'" 1 
ATOM 5   C "C3'" . DC A 1 1  ? -4.361 -15.460 0.452  0.50 3.32 ? 1  DC A "C3'" 1 
ATOM 6   O "O3'" . DC A 1 1  ? -3.225 -16.276 0.765  0.50 3.69 ? 1  DC A "O3'" 1 
ATOM 7   C "C2'" . DC A 1 1  ? -4.010 -14.250 -0.403 0.50 2.90 ? 1  DC A "C2'" 1 
ATOM 8   C "C1'" . DC A 1 1  ? -4.056 -14.793 -1.823 0.50 2.35 ? 1  DC A "C1'" 1 
ATOM 9   N N1    . DC A 1 1  ? -4.519 -13.862 -2.876 1.00 1.61 ? 1  DC A N1    1 
ATOM 10  C C2    . DC A 1 1  ? -3.761 -13.756 -4.045 1.00 1.49 ? 1  DC A C2    1 
ATOM 11  O O2    . DC A 1 1  ? -2.630 -14.286 -4.091 1.00 1.41 ? 1  DC A O2    1 
ATOM 12  N N3    . DC A 1 1  ? -4.265 -13.057 -5.090 1.00 1.00 ? 1  DC A N3    1 
ATOM 13  C C4    . DC A 1 1  ? -5.454 -12.446 -4.986 1.00 1.00 ? 1  DC A C4    1 
ATOM 14  N N4    . DC A 1 1  ? -5.983 -11.860 -6.093 1.00 1.00 ? 1  DC A N4    1 
ATOM 15  C C5    . DC A 1 1  ? -6.186 -12.436 -3.765 1.00 1.47 ? 1  DC A C5    1 
ATOM 16  C C6    . DC A 1 1  ? -5.687 -13.151 -2.746 1.00 1.41 ? 1  DC A C6    1 
ATOM 17  P P     . DC A 1 2  ? -2.062 -15.709 1.720  0.50 3.85 ? 2  DC A P     1 
ATOM 18  O OP1   . DC A 1 2  ? -1.226 -16.865 2.125  0.50 3.75 ? 2  DC A OP1   1 
ATOM 19  O OP2   . DC A 1 2  ? -2.647 -14.821 2.763  0.50 3.63 ? 2  DC A OP2   1 
ATOM 20  O "O5'" . DC A 1 2  ? -1.167 -14.852 0.733  0.50 3.67 ? 2  DC A "O5'" 1 
ATOM 21  C "C5'" . DC A 1 2  ? -0.154 -15.500 -0.028 0.50 3.36 ? 2  DC A "C5'" 1 
ATOM 22  C "C4'" . DC A 1 2  ? 0.773  -14.483 -0.640 0.50 3.52 ? 2  DC A "C4'" 1 
ATOM 23  O "O4'" . DC A 1 2  ? 0.049  -13.721 -1.633 1.00 3.40 ? 2  DC A "O4'" 1 
ATOM 24  C "C3'" . DC A 1 2  ? 1.320  -13.467 0.359  1.00 3.61 ? 2  DC A "C3'" 1 
ATOM 25  O "O3'" . DC A 1 2  ? 2.626  -13.106 -0.076 1.00 4.17 ? 2  DC A "O3'" 1 
ATOM 26  C "C2'" . DC A 1 2  ? 0.357  -12.301 0.223  1.00 3.38 ? 2  DC A "C2'" 1 
ATOM 27  C "C1'" . DC A 1 2  ? 0.058  -12.358 -1.269 1.00 2.42 ? 2  DC A "C1'" 1 
ATOM 28  N N1    . DC A 1 2  ? -1.169 -11.744 -1.794 1.00 1.55 ? 2  DC A N1    1 
ATOM 29  C C2    . DC A 1 2  ? -1.100 -11.305 -3.085 1.00 1.00 ? 2  DC A C2    1 
ATOM 30  O O2    . DC A 1 2  ? -0.029 -11.419 -3.689 1.00 1.00 ? 2  DC A O2    1 
ATOM 31  N N3    . DC A 1 2  ? -2.167 -10.745 -3.665 1.00 1.00 ? 2  DC A N3    1 
ATOM 32  C C4    . DC A 1 2  ? -3.288 -10.569 -2.968 1.00 1.33 ? 2  DC A C4    1 
ATOM 33  N N4    . DC A 1 2  ? -4.295 -9.936  -3.584 1.00 1.69 ? 2  DC A N4    1 
ATOM 34  C C5    . DC A 1 2  ? -3.409 -11.008 -1.623 1.00 1.41 ? 2  DC A C5    1 
ATOM 35  C C6    . DC A 1 2  ? -2.330 -11.599 -1.074 1.00 1.32 ? 2  DC A C6    1 
ATOM 36  P P     . DG A 1 3  ? 3.785  -12.826 1.011  1.00 5.29 ? 3  DG A P     1 
ATOM 37  O OP1   . DG A 1 3  ? 3.858  -14.040 1.860  1.00 5.44 ? 3  DG A OP1   1 
ATOM 38  O OP2   . DG A 1 3  ? 3.528  -11.499 1.639  1.00 5.59 ? 3  DG A OP2   1 
ATOM 39  O "O5'" . DG A 1 3  ? 5.133  -12.700 0.176  1.00 4.79 ? 3  DG A "O5'" 1 
ATOM 40  C "C5'" . DG A 1 3  ? 5.211  -13.050 -1.198 1.00 5.19 ? 3  DG A "C5'" 1 
ATOM 41  C "C4'" . DG A 1 3  ? 5.357  -11.800 -2.031 1.00 4.98 ? 3  DG A "C4'" 1 
ATOM 42  O "O4'" . DG A 1 3  ? 4.032  -11.267 -2.284 1.00 4.49 ? 3  DG A "O4'" 1 
ATOM 43  C "C3'" . DG A 1 3  ? 6.181  -10.673 -1.393 1.00 5.11 ? 3  DG A "C3'" 1 
ATOM 44  O "O3'" . DG A 1 3  ? 7.151  -10.153 -2.325 1.00 6.08 ? 3  DG A "O3'" 1 
ATOM 45  C "C2'" . DG A 1 3  ? 5.125  -9.633  -1.016 1.00 4.28 ? 3  DG A "C2'" 1 
ATOM 46  C "C1'" . DG A 1 3  ? 3.999  -9.861  -2.033 1.00 3.81 ? 3  DG A "C1'" 1 
ATOM 47  N N9    . DG A 1 3  ? 2.635  -9.493  -1.601 1.00 2.41 ? 3  DG A N9    1 
ATOM 48  C C8    . DG A 1 3  ? 2.059  -9.770  -0.379 1.00 1.98 ? 3  DG A C8    1 
ATOM 49  N N7    . DG A 1 3  ? 0.816  -9.367  -0.283 1.00 1.91 ? 3  DG A N7    1 
ATOM 50  C C5    . DG A 1 3  ? 0.541  -8.765  -1.506 1.00 1.61 ? 3  DG A C5    1 
ATOM 51  C C6    . DG A 1 3  ? -0.680 -8.154  -1.986 1.00 1.45 ? 3  DG A C6    1 
ATOM 52  O O6    . DG A 1 3  ? -1.791 -8.051  -1.407 1.00 1.54 ? 3  DG A O6    1 
ATOM 53  N N1    . DG A 1 3  ? -0.523 -7.656  -3.278 1.00 1.00 ? 3  DG A N1    1 
ATOM 54  C C2    . DG A 1 3  ? 0.636  -7.743  -4.019 1.00 1.05 ? 3  DG A C2    1 
ATOM 55  N N2    . DG A 1 3  ? 0.588  -7.182  -5.234 1.00 1.00 ? 3  DG A N2    1 
ATOM 56  N N3    . DG A 1 3  ? 1.764  -8.329  -3.598 1.00 1.25 ? 3  DG A N3    1 
ATOM 57  C C4    . DG A 1 3  ? 1.648  -8.814  -2.338 1.00 1.85 ? 3  DG A C4    1 
ATOM 58  P P     . DA A 1 4  ? 7.548  -8.584  -2.283 1.00 7.27 ? 4  DA A P     1 
ATOM 59  O OP1   . DA A 1 4  ? 8.691  -8.401  -3.229 1.00 6.66 ? 4  DA A OP1   1 
ATOM 60  O OP2   . DA A 1 4  ? 7.680  -8.125  -0.878 1.00 6.79 ? 4  DA A OP2   1 
ATOM 61  O "O5'" . DA A 1 4  ? 6.280  -7.883  -2.942 1.00 5.92 ? 4  DA A "O5'" 1 
ATOM 62  C "C5'" . DA A 1 4  ? 5.953  -8.061  -4.319 1.00 5.71 ? 4  DA A "C5'" 1 
ATOM 63  C "C4'" . DA A 1 4  ? 5.798  -6.711  -4.970 1.00 5.47 ? 4  DA A "C4'" 1 
ATOM 64  O "O4'" . DA A 1 4  ? 4.533  -6.118  -4.614 1.00 4.83 ? 4  DA A "O4'" 1 
ATOM 65  C "C3'" . DA A 1 4  ? 6.861  -5.758  -4.450 0.60 5.24 ? 4  DA A "C3'" 1 
ATOM 66  O "O3'" . DA A 1 4  ? 7.268  -4.886  -5.487 0.60 5.42 ? 4  DA A "O3'" 1 
ATOM 67  C "C2'" . DA A 1 4  ? 6.170  -5.036  -3.303 1.00 4.99 ? 4  DA A "C2'" 1 
ATOM 68  C "C1'" . DA A 1 4  ? 4.705  -5.030  -3.721 1.00 4.22 ? 4  DA A "C1'" 1 
ATOM 69  N N9    . DA A 1 4  ? 3.768  -5.236  -2.619 1.00 3.47 ? 4  DA A N9    1 
ATOM 70  C C8    . DA A 1 4  ? 4.025  -5.722  -1.357 1.00 3.58 ? 4  DA A C8    1 
ATOM 71  N N7    . DA A 1 4  ? 2.960  -5.800  -0.598 1.00 3.47 ? 4  DA A N7    1 
ATOM 72  C C5    . DA A 1 4  ? 1.937  -5.335  -1.415 1.00 2.62 ? 4  DA A C5    1 
ATOM 73  C C6    . DA A 1 4  ? 0.565  -5.162  -1.204 1.00 2.43 ? 4  DA A C6    1 
ATOM 74  N N6    . DA A 1 4  ? -0.045 -5.462  -0.063 1.00 2.00 ? 4  DA A N6    1 
ATOM 75  N N1    . DA A 1 4  ? -0.176 -4.664  -2.224 1.00 2.26 ? 4  DA A N1    1 
ATOM 76  C C2    . DA A 1 4  ? 0.440  -4.373  -3.374 1.00 2.31 ? 4  DA A C2    1 
ATOM 77  N N3    . DA A 1 4  ? 1.721  -4.494  -3.692 1.00 2.12 ? 4  DA A N3    1 
ATOM 78  C C4    . DA A 1 4  ? 2.423  -4.984  -2.658 1.00 2.67 ? 4  DA A C4    1 
ATOM 79  P P     . DA A 1 5  ? 8.077  -3.561  -5.119 0.40 5.71 ? 5  DA A P     1 
ATOM 80  O OP1   . DA A 1 5  ? 9.060  -3.358  -6.203 0.60 5.44 ? 5  DA A OP1   1 
ATOM 81  O OP2   . DA A 1 5  ? 8.536  -3.659  -3.711 0.60 5.09 ? 5  DA A OP2   1 
ATOM 82  O "O5'" . DA A 1 5  ? 6.940  -2.463  -5.253 0.60 5.40 ? 5  DA A "O5'" 1 
ATOM 83  C "C5'" . DA A 1 5  ? 5.996  -2.571  -6.310 0.60 5.05 ? 5  DA A "C5'" 1 
ATOM 84  C "C4'" . DA A 1 5  ? 4.910  -1.542  -6.132 0.60 4.53 ? 5  DA A "C4'" 1 
ATOM 85  O "O4'" . DA A 1 5  ? 4.039  -1.895  -5.031 0.60 4.38 ? 5  DA A "O4'" 1 
ATOM 86  C "C3'" . DA A 1 5  ? 5.484  -0.181  -5.762 0.60 4.69 ? 5  DA A "C3'" 1 
ATOM 87  O "O3'" . DA A 1 5  ? 4.555  0.800   -6.204 0.60 4.66 ? 5  DA A "O3'" 1 
ATOM 88  C "C2'" . DA A 1 5  ? 5.464  -0.226  -4.246 0.60 4.20 ? 5  DA A "C2'" 1 
ATOM 89  C "C1'" . DA A 1 5  ? 4.106  -0.855  -4.060 0.60 3.56 ? 5  DA A "C1'" 1 
ATOM 90  N N9    . DA A 1 5  ? 3.786  -1.409  -2.743 0.60 2.93 ? 5  DA A N9    1 
ATOM 91  C C8    . DA A 1 5  ? 4.597  -1.914  -1.757 0.60 2.75 ? 5  DA A C8    1 
ATOM 92  N N7    . DA A 1 5  ? 3.946  -2.291  -0.680 1.00 2.65 ? 5  DA A N7    1 
ATOM 93  C C5    . DA A 1 5  ? 2.617  -2.028  -0.981 1.00 1.90 ? 5  DA A C5    1 
ATOM 94  C C6    . DA A 1 5  ? 1.421  -2.209  -0.257 1.00 1.72 ? 5  DA A C6    1 
ATOM 95  N N6    . DA A 1 5  ? 1.355  -2.742  0.968  1.00 1.89 ? 5  DA A N6    1 
ATOM 96  N N1    . DA A 1 5  ? 0.272  -1.831  -0.855 1.00 1.52 ? 5  DA A N1    1 
ATOM 97  C C2    . DA A 1 5  ? 0.324  -1.320  -2.095 1.00 1.34 ? 5  DA A C2    1 
ATOM 98  N N3    . DA A 1 5  ? 1.376  -1.116  -2.879 1.00 1.78 ? 5  DA A N3    1 
ATOM 99  C C4    . DA A 1 5  ? 2.506  -1.492  -2.253 0.60 2.34 ? 5  DA A C4    1 
ATOM 100 P P     . DT A 1 6  ? 5.083  2.172   -6.833 0.60 5.14 ? 6  DT A P     1 
ATOM 101 O OP1   . DT A 1 6  ? 5.580  1.870   -8.198 0.60 5.20 ? 6  DT A OP1   1 
ATOM 102 O OP2   . DT A 1 6  ? 5.979  2.830   -5.850 0.60 5.51 ? 6  DT A OP2   1 
ATOM 103 O "O5'" . DT A 1 6  ? 3.747  3.031   -6.980 0.60 5.46 ? 6  DT A "O5'" 1 
ATOM 104 C "C5'" . DT A 1 6  ? 2.586  2.486   -7.619 0.60 5.14 ? 6  DT A "C5'" 1 
ATOM 105 C "C4'" . DT A 1 6  ? 1.329  2.992   -6.948 0.60 5.64 ? 6  DT A "C4'" 1 
ATOM 106 O "O4'" . DT A 1 6  ? 1.107  2.297   -5.692 0.60 5.71 ? 6  DT A "O4'" 1 
ATOM 107 C "C3'" . DT A 1 6  ? 1.367  4.480   -6.605 0.50 5.58 ? 6  DT A "C3'" 1 
ATOM 108 O "O3'" . DT A 1 6  ? 0.089  5.086   -6.807 0.50 5.72 ? 6  DT A "O3'" 1 
ATOM 109 C "C2'" . DT A 1 6  ? 1.702  4.481   -5.130 0.60 5.65 ? 6  DT A "C2'" 1 
ATOM 110 C "C1'" . DT A 1 6  ? 0.982  3.244   -4.639 0.60 5.29 ? 6  DT A "C1'" 1 
ATOM 111 N N1    . DT A 1 6  ? 1.578  2.667   -3.418 1.00 4.95 ? 6  DT A N1    1 
ATOM 112 C C2    . DT A 1 6  ? 0.746  2.332   -2.378 1.00 4.81 ? 6  DT A C2    1 
ATOM 113 O O2    . DT A 1 6  ? -0.455 2.493   -2.425 1.00 5.15 ? 6  DT A O2    1 
ATOM 114 N N3    . DT A 1 6  ? 1.383  1.803   -1.279 1.00 4.21 ? 6  DT A N3    1 
ATOM 115 C C4    . DT A 1 6  ? 2.737  1.592   -1.116 1.00 4.07 ? 6  DT A C4    1 
ATOM 116 O O4    . DT A 1 6  ? 3.153  1.087   -0.065 1.00 3.43 ? 6  DT A O4    1 
ATOM 117 C C5    . DT A 1 6  ? 3.558  1.996   -2.243 1.00 4.38 ? 6  DT A C5    1 
ATOM 118 C C7    . DT A 1 6  ? 5.044  1.878   -2.145 1.00 4.83 ? 6  DT A C7    1 
ATOM 119 C C6    . DT A 1 6  ? 2.939  2.486   -3.327 1.00 4.66 ? 6  DT A C6    1 
ATOM 120 P P     . DT A 1 7  ? -0.278 6.438   -6.017 0.50 5.62 ? 7  DT A P     1 
ATOM 121 O OP1   . DT A 1 7  ? -1.385 7.104   -6.738 0.50 5.50 ? 7  DT A OP1   1 
ATOM 122 O OP2   . DT A 1 7  ? 0.981  7.185   -5.770 0.50 5.28 ? 7  DT A OP2   1 
ATOM 123 O "O5'" . DT A 1 7  ? -0.838 5.912   -4.625 0.50 5.42 ? 7  DT A "O5'" 1 
ATOM 124 C "C5'" . DT A 1 7  ? -2.075 5.208   -4.560 0.50 5.05 ? 7  DT A "C5'" 1 
ATOM 125 C "C4'" . DT A 1 7  ? -2.788 5.541   -3.272 0.50 4.91 ? 7  DT A "C4'" 1 
ATOM 126 O "O4'" . DT A 1 7  ? -2.045 4.955   -2.176 0.50 4.46 ? 7  DT A "O4'" 1 
ATOM 127 C "C3'" . DT A 1 7  ? -2.854 7.041   -2.993 0.50 4.83 ? 7  DT A "C3'" 1 
ATOM 128 O "O3'" . DT A 1 7  ? -4.115 7.428   -2.444 0.50 5.40 ? 7  DT A "O3'" 1 
ATOM 129 C "C2'" . DT A 1 7  ? -1.710 7.287   -2.027 0.50 4.53 ? 7  DT A "C2'" 1 
ATOM 130 C "C1'" . DT A 1 7  ? -1.513 5.955   -1.319 0.50 4.21 ? 7  DT A "C1'" 1 
ATOM 131 N N1    . DT A 1 7  ? -0.090 5.635   -1.097 1.00 3.82 ? 7  DT A N1    1 
ATOM 132 C C2    . DT A 1 7  ? 0.293  5.088   0.105  1.00 3.41 ? 7  DT A C2    1 
ATOM 133 O O2    . DT A 1 7  ? -0.499 4.841   1.007  1.00 3.67 ? 7  DT A O2    1 
ATOM 134 N N3    . DT A 1 7  ? 1.646  4.835   0.217  1.00 3.05 ? 7  DT A N3    1 
ATOM 135 C C4    . DT A 1 7  ? 2.621  5.070   -0.737 1.00 3.02 ? 7  DT A C4    1 
ATOM 136 O O4    . DT A 1 7  ? 3.805  4.799   -0.503 1.00 3.90 ? 7  DT A O4    1 
ATOM 137 C C5    . DT A 1 7  ? 2.149  5.640   -1.962 1.00 3.00 ? 7  DT A C5    1 
ATOM 138 C C7    . DT A 1 7  ? 3.143  5.933   -3.033 1.00 2.71 ? 7  DT A C7    1 
ATOM 139 C C6    . DT A 1 7  ? 0.838  5.892   -2.088 1.00 3.62 ? 7  DT A C6    1 
ATOM 140 P P     . DC A 1 8  ? -4.479 8.989   -2.341 0.50 6.13 ? 8  DC A P     1 
ATOM 141 O OP1   . DC A 1 8  ? -5.901 9.172   -2.721 0.50 6.18 ? 8  DC A OP1   1 
ATOM 142 O OP2   . DC A 1 8  ? -3.424 9.754   -3.049 0.50 6.10 ? 8  DC A OP2   1 
ATOM 143 O "O5'" . DC A 1 8  ? -4.315 9.303   -0.790 1.00 6.09 ? 8  DC A "O5'" 1 
ATOM 144 C "C5'" . DC A 1 8  ? -5.137 8.667   0.188  0.50 5.58 ? 8  DC A "C5'" 1 
ATOM 145 C "C4'" . DC A 1 8  ? -4.729 9.126   1.566  0.50 5.74 ? 8  DC A "C4'" 1 
ATOM 146 O "O4'" . DC A 1 8  ? -3.479 8.493   1.923  1.00 5.63 ? 8  DC A "O4'" 1 
ATOM 147 C "C3'" . DC A 1 8  ? -4.483 10.634  1.650  1.00 5.61 ? 8  DC A "C3'" 1 
ATOM 148 O "O3'" . DC A 1 8  ? -4.846 11.098  2.948  1.00 6.05 ? 8  DC A "O3'" 1 
ATOM 149 C "C2'" . DC A 1 8  ? -2.976 10.732  1.540  1.00 5.53 ? 8  DC A "C2'" 1 
ATOM 150 C "C1'" . DC A 1 8  ? -2.552 9.486   2.300  1.00 5.34 ? 8  DC A "C1'" 1 
ATOM 151 N N1    . DC A 1 8  ? -1.192 8.987   2.020  1.00 4.69 ? 8  DC A N1    1 
ATOM 152 C C2    . DC A 1 8  ? -0.634 8.021   2.880  1.00 4.20 ? 8  DC A C2    1 
ATOM 153 O O2    . DC A 1 8  ? -1.296 7.615   3.854  1.00 3.82 ? 8  DC A O2    1 
ATOM 154 N N3    . DC A 1 8  ? 0.629  7.571   2.636  1.00 3.76 ? 8  DC A N3    1 
ATOM 155 C C4    . DC A 1 8  ? 1.333  8.065   1.604  1.00 3.85 ? 8  DC A C4    1 
ATOM 156 N N4    . DC A 1 8  ? 2.590  7.636   1.426  1.00 3.60 ? 8  DC A N4    1 
ATOM 157 C C5    . DC A 1 8  ? 0.782  9.036   0.717  1.00 4.33 ? 8  DC A C5    1 
ATOM 158 C C6    . DC A 1 8  ? -0.472 9.461   0.958  1.00 4.54 ? 8  DC A C6    1 
ATOM 159 P P     . DG A 1 9  ? -6.373 11.453  3.262  1.00 5.95 ? 9  DG A P     1 
ATOM 160 O OP1   . DG A 1 9  ? -7.174 10.398  2.596  1.00 6.44 ? 9  DG A OP1   1 
ATOM 161 O OP2   . DG A 1 9  ? -6.595 12.884  2.903  1.00 6.59 ? 9  DG A OP2   1 
ATOM 162 O "O5'" . DG A 1 9  ? -6.518 11.250  4.848  1.00 6.13 ? 9  DG A "O5'" 1 
ATOM 163 C "C5'" . DG A 1 9  ? -7.030 10.027  5.410  1.00 5.14 ? 9  DG A "C5'" 1 
ATOM 164 C "C4'" . DG A 1 9  ? -6.597 9.870   6.855  1.00 4.56 ? 9  DG A "C4'" 1 
ATOM 165 O "O4'" . DG A 1 9  ? -5.209 9.482   6.916  1.00 3.40 ? 9  DG A "O4'" 1 
ATOM 166 C "C3'" . DG A 1 9  ? -6.709 11.125  7.723  1.00 4.32 ? 9  DG A "C3'" 1 
ATOM 167 O "O3'" . DG A 1 9  ? -7.005 10.742  9.083  1.00 4.56 ? 9  DG A "O3'" 1 
ATOM 168 C "C2'" . DG A 1 9  ? -5.326 11.750  7.584  1.00 3.96 ? 9  DG A "C2'" 1 
ATOM 169 C "C1'" . DG A 1 9  ? -4.419 10.527  7.476  1.00 3.40 ? 9  DG A "C1'" 1 
ATOM 170 N N9    . DG A 1 9  ? -3.240 10.667  6.628  1.00 2.57 ? 9  DG A N9    1 
ATOM 171 C C8    . DG A 1 9  ? -3.167 11.275  5.392  1.00 2.12 ? 9  DG A C8    1 
ATOM 172 N N7    . DG A 1 9  ? -1.987 11.190  4.852  1.00 1.41 ? 9  DG A N7    1 
ATOM 173 C C5    . DG A 1 9  ? -1.231 10.503  5.792  1.00 1.68 ? 9  DG A C5    1 
ATOM 174 C C6    . DG A 1 9  ? 0.118  10.119  5.752  1.00 1.34 ? 9  DG A C6    1 
ATOM 175 O O6    . DG A 1 9  ? 0.947  10.289  4.865  1.00 1.13 ? 9  DG A O6    1 
ATOM 176 N N1    . DG A 1 9  ? 0.492  9.463   6.900  1.00 1.44 ? 9  DG A N1    1 
ATOM 177 C C2    . DG A 1 9  ? -0.327 9.200   7.963  1.00 1.45 ? 9  DG A C2    1 
ATOM 178 N N2    . DG A 1 9  ? 0.248  8.589   9.000  1.00 1.47 ? 9  DG A N2    1 
ATOM 179 N N3    . DG A 1 9  ? -1.605 9.527   8.011  1.00 1.72 ? 9  DG A N3    1 
ATOM 180 C C4    . DG A 1 9  ? -1.989 10.185  6.897  1.00 2.33 ? 9  DG A C4    1 
ATOM 181 P P     . DG A 1 10 ? -7.281 11.869  10.230 1.00 4.65 ? 10 DG A P     1 
ATOM 182 O OP1   . DG A 1 10 ? -8.098 11.244  11.309 1.00 4.71 ? 10 DG A OP1   1 
ATOM 183 O OP2   . DG A 1 10 ? -7.753 13.119  9.571  1.00 4.98 ? 10 DG A OP2   1 
ATOM 184 O "O5'" . DG A 1 10 ? -5.831 12.188  10.813 1.00 4.28 ? 10 DG A "O5'" 1 
ATOM 185 C "C5'" . DG A 1 10 ? -4.939 11.138  11.209 1.00 3.56 ? 10 DG A "C5'" 1 
ATOM 186 C "C4'" . DG A 1 10 ? -3.591 11.698  11.602 1.00 3.69 ? 10 DG A "C4'" 1 
ATOM 187 O "O4'" . DG A 1 10 ? -2.760 11.962  10.442 1.00 3.00 ? 10 DG A "O4'" 1 
ATOM 188 C "C3'" . DG A 1 10 ? -3.638 13.009  12.380 1.00 3.59 ? 10 DG A "C3'" 1 
ATOM 189 O "O3'" . DG A 1 10 ? -2.513 13.087  13.251 1.00 4.99 ? 10 DG A "O3'" 1 
ATOM 190 C "C2'" . DG A 1 10 ? -3.364 14.029  11.293 1.00 3.27 ? 10 DG A "C2'" 1 
ATOM 191 C "C1'" . DG A 1 10 ? -2.307 13.306  10.477 1.00 2.51 ? 10 DG A "C1'" 1 
ATOM 192 N N9    . DG A 1 10 ? -2.219 13.744  9.095  1.00 2.44 ? 10 DG A N9    1 
ATOM 193 C C8    . DG A 1 10 ? -3.227 14.300  8.348  1.00 2.59 ? 10 DG A C8    1 
ATOM 194 N N7    . DG A 1 10 ? -2.904 14.468  7.097  1.00 3.03 ? 10 DG A N7    1 
ATOM 195 C C5    . DG A 1 10 ? -1.592 14.018  7.021  1.00 2.94 ? 10 DG A C5    1 
ATOM 196 C C6    . DG A 1 10 ? -0.730 13.938  5.917  1.00 2.90 ? 10 DG A C6    1 
ATOM 197 O O6    . DG A 1 10 ? -0.976 14.216  4.735  1.00 3.69 ? 10 DG A O6    1 
ATOM 198 N N1    . DG A 1 10 ? 0.530  13.463  6.277  1.00 2.49 ? 10 DG A N1    1 
ATOM 199 C C2    . DG A 1 10 ? 0.907  13.099  7.542  1.00 2.29 ? 10 DG A C2    1 
ATOM 200 N N2    . DG A 1 10 ? 2.190  12.694  7.676  1.00 2.42 ? 10 DG A N2    1 
ATOM 201 N N3    . DG A 1 10 ? 0.087  13.143  8.595  1.00 2.31 ? 10 DG A N3    1 
ATOM 202 C C4    . DG A 1 10 ? -1.139 13.612  8.256  1.00 2.70 ? 10 DG A C4    1 
# 
